data_5V2V
#
_entry.id   5V2V
#
_cell.length_a   41.790
_cell.length_b   79.310
_cell.length_c   87.750
_cell.angle_alpha   90.000
_cell.angle_beta   90.000
_cell.angle_gamma   90.000
#
_symmetry.space_group_name_H-M   'P 2 21 21'
#
loop_
_entity.id
_entity.type
_entity.pdbx_description
1 polymer '2-oxoglutarate-dependent ethylene/succinate-forming enzyme'
2 non-polymer 'NICKEL (II) ION'
3 water water
#
_entity_poly.entity_id   1
_entity_poly.type   'polypeptide(L)'
_entity_poly.pdbx_seq_one_letter_code
;SH(MSE)TNLQTFELPTEVTGCAADISLGRALIQAWQKDGIFQIKTDSEQDRKTQEA(MSE)AASKQFCKEPLTFKSSCV
SDLTYSGYVASGEEVTAGKPDFPEIFTVCKDLSVGDQRVKAGWPCHGPVPWPNNTYQKS(MSE)KTF(MSE)EELGLAGE
RLLKLTALGFELPINTFTDLTRDGWHH(MSE)RVLRFPPQTSTLSRGIGAHTDYGLLVIAAQDDVGGLYIRPPVEGEKRN
RNWLPGESSAG(MSE)FEHDEPWTFVTPTPGVWTVFPGDILQF(MSE)TGGQLLSTPHKVKLNTRERFACAYFHEPNFEA
SAYPLFEPSANERIHYGEHFTN(MSE)F(MSE)RCYPDRITTQRINKENRLAHLEDLKKYSDTRATGS
;
_entity_poly.pdbx_strand_id   A
#
loop_
_chem_comp.id
_chem_comp.type
_chem_comp.name
_chem_comp.formula
NI non-polymer 'NICKEL (II) ION' 'Ni 2'
#
# COMPACT_ATOMS: atom_id res chain seq x y z
N ASN A 5 -11.05 -4.34 -19.19
CA ASN A 5 -10.21 -3.51 -18.32
C ASN A 5 -10.71 -3.55 -16.88
N LEU A 6 -10.15 -2.69 -16.05
CA LEU A 6 -10.59 -2.51 -14.68
C LEU A 6 -11.24 -1.15 -14.52
N GLN A 7 -12.19 -1.07 -13.60
CA GLN A 7 -12.99 0.14 -13.45
C GLN A 7 -12.11 1.33 -13.02
N THR A 8 -12.61 2.52 -13.31
CA THR A 8 -11.89 3.76 -13.04
C THR A 8 -12.88 4.76 -12.45
N PHE A 9 -12.69 5.10 -11.18
CA PHE A 9 -13.55 6.04 -10.50
C PHE A 9 -12.81 7.34 -10.20
N GLU A 10 -13.57 8.36 -9.83
CA GLU A 10 -13.03 9.65 -9.40
C GLU A 10 -13.63 9.97 -8.04
N LEU A 11 -12.78 10.01 -7.02
CA LEU A 11 -13.25 10.29 -5.68
C LEU A 11 -13.68 11.75 -5.54
N PRO A 12 -14.62 12.04 -4.64
CA PRO A 12 -14.92 13.44 -4.33
C PRO A 12 -13.76 14.10 -3.62
N THR A 13 -13.86 15.43 -3.46
CA THR A 13 -12.87 16.15 -2.66
C THR A 13 -13.00 15.79 -1.19
N GLU A 14 -14.23 15.79 -0.68
CA GLU A 14 -14.52 15.36 0.68
C GLU A 14 -15.66 14.36 0.64
N VAL A 15 -15.55 13.31 1.45
CA VAL A 15 -16.57 12.28 1.56
C VAL A 15 -17.48 12.66 2.72
N THR A 16 -18.57 13.34 2.41
CA THR A 16 -19.55 13.75 3.42
C THR A 16 -20.51 12.64 3.81
N GLY A 17 -20.57 11.57 3.04
CA GLY A 17 -21.51 10.49 3.33
C GLY A 17 -22.89 10.73 2.78
N CYS A 18 -23.00 11.35 1.61
CA CYS A 18 -24.29 11.59 0.97
C CYS A 18 -24.67 10.39 0.11
N ALA A 19 -25.77 10.52 -0.63
CA ALA A 19 -26.23 9.44 -1.49
C ALA A 19 -25.20 9.13 -2.57
N ALA A 20 -24.51 10.16 -3.07
CA ALA A 20 -23.52 9.93 -4.11
C ALA A 20 -22.29 9.21 -3.56
N ASP A 21 -21.84 9.58 -2.36
CA ASP A 21 -20.69 8.91 -1.76
C ASP A 21 -20.99 7.47 -1.43
N ILE A 22 -22.18 7.20 -0.85
CA ILE A 22 -22.55 5.85 -0.48
C ILE A 22 -22.66 4.96 -1.71
N SER A 23 -23.19 5.51 -2.81
CA SER A 23 -23.21 4.77 -4.07
C SER A 23 -21.81 4.44 -4.54
N LEU A 24 -20.92 5.44 -4.49
CA LEU A 24 -19.51 5.20 -4.81
C LEU A 24 -18.91 4.14 -3.89
N GLY A 25 -19.26 4.18 -2.60
CA GLY A 25 -18.81 3.16 -1.69
C GLY A 25 -19.23 1.77 -2.12
N ARG A 26 -20.47 1.63 -2.60
CA ARG A 26 -20.92 0.34 -3.12
C ARG A 26 -20.19 -0.01 -4.41
N ALA A 27 -19.94 1.00 -5.27
CA ALA A 27 -19.21 0.76 -6.50
C ALA A 27 -17.80 0.27 -6.22
N LEU A 28 -17.19 0.75 -5.13
CA LEU A 28 -15.84 0.34 -4.76
C LEU A 28 -15.82 -1.12 -4.33
N ILE A 29 -16.63 -1.47 -3.32
CA ILE A 29 -16.65 -2.83 -2.80
C ILE A 29 -16.89 -3.83 -3.92
N GLN A 30 -17.86 -3.53 -4.79
CA GLN A 30 -18.18 -4.41 -5.91
C GLN A 30 -16.95 -4.64 -6.79
N ALA A 31 -16.26 -3.57 -7.17
CA ALA A 31 -15.06 -3.70 -8.00
C ALA A 31 -14.00 -4.54 -7.30
N TRP A 32 -13.83 -4.34 -5.99
CA TRP A 32 -12.87 -5.15 -5.24
C TRP A 32 -13.26 -6.61 -5.22
N GLN A 33 -14.55 -6.90 -5.00
CA GLN A 33 -14.99 -8.29 -4.88
C GLN A 33 -15.07 -9.00 -6.22
N LYS A 34 -15.09 -8.26 -7.33
CA LYS A 34 -15.08 -8.87 -8.66
C LYS A 34 -13.69 -8.93 -9.26
N ASP A 35 -12.96 -7.82 -9.25
CA ASP A 35 -11.67 -7.73 -9.94
C ASP A 35 -10.49 -7.67 -9.00
N GLY A 36 -10.72 -7.60 -7.69
CA GLY A 36 -9.63 -7.53 -6.72
C GLY A 36 -8.88 -6.22 -6.67
N ILE A 37 -9.19 -5.27 -7.56
CA ILE A 37 -8.47 -4.02 -7.65
C ILE A 37 -9.27 -3.08 -8.53
N PHE A 38 -9.02 -1.77 -8.40
CA PHE A 38 -9.55 -0.79 -9.33
C PHE A 38 -8.63 0.42 -9.34
N GLN A 39 -8.99 1.40 -10.16
CA GLN A 39 -8.19 2.60 -10.35
C GLN A 39 -8.99 3.82 -9.90
N ILE A 40 -8.28 4.82 -9.37
CA ILE A 40 -8.85 6.13 -9.07
C ILE A 40 -8.11 7.16 -9.91
N LYS A 41 -8.87 8.04 -10.56
CA LYS A 41 -8.31 9.00 -11.50
C LYS A 41 -7.69 10.16 -10.73
N THR A 42 -6.40 10.37 -10.95
CA THR A 42 -5.71 11.49 -10.32
C THR A 42 -5.96 12.77 -11.10
N ASP A 43 -5.96 13.90 -10.39
CA ASP A 43 -6.11 15.19 -11.06
C ASP A 43 -4.77 15.64 -11.62
N SER A 44 -4.59 16.95 -11.85
CA SER A 44 -3.32 17.44 -12.35
C SER A 44 -2.30 17.57 -11.23
N GLU A 45 -2.70 18.12 -10.08
CA GLU A 45 -1.79 18.27 -8.96
C GLU A 45 -1.48 16.95 -8.28
N GLN A 46 -2.32 15.92 -8.48
CA GLN A 46 -2.00 14.59 -7.96
C GLN A 46 -1.04 13.86 -8.89
N ASP A 47 -1.19 14.05 -10.20
CA ASP A 47 -0.27 13.45 -11.15
C ASP A 47 1.07 14.17 -11.20
N ARG A 48 1.10 15.46 -10.84
CA ARG A 48 2.36 16.18 -10.75
C ARG A 48 3.22 15.65 -9.62
N LYS A 49 2.63 15.51 -8.42
CA LYS A 49 3.37 14.98 -7.28
C LYS A 49 3.85 13.56 -7.54
N THR A 50 2.96 12.74 -8.13
CA THR A 50 3.31 11.35 -8.43
C THR A 50 4.53 11.29 -9.34
N GLN A 51 4.59 12.16 -10.35
CA GLN A 51 5.71 12.13 -11.28
C GLN A 51 6.97 12.73 -10.68
N GLU A 52 6.83 13.75 -9.83
CA GLU A 52 8.00 14.33 -9.19
C GLU A 52 8.66 13.36 -8.23
N ALA A 53 7.87 12.52 -7.56
CA ALA A 53 8.43 11.49 -6.71
C ALA A 53 9.16 10.43 -7.54
N MSE A 54 8.55 10.00 -8.63
CA MSE A 54 9.19 9.07 -9.56
C MSE A 54 10.45 9.67 -10.14
O MSE A 54 11.41 8.96 -10.43
CB MSE A 54 8.21 8.68 -10.69
CG MSE A 54 7.00 7.86 -10.24
SE MSE A 54 7.35 5.96 -9.91
CE MSE A 54 8.27 6.04 -8.18
N ALA A 55 10.46 10.99 -10.29
CA ALA A 55 11.65 11.70 -10.74
C ALA A 55 12.77 11.57 -9.71
N ALA A 56 12.49 11.99 -8.48
CA ALA A 56 13.47 11.86 -7.40
C ALA A 56 13.85 10.41 -7.16
N SER A 57 12.92 9.48 -7.41
CA SER A 57 13.24 8.06 -7.30
C SER A 57 14.20 7.62 -8.40
N LYS A 58 14.04 8.17 -9.60
CA LYS A 58 14.85 7.73 -10.74
C LYS A 58 16.29 8.21 -10.60
N GLN A 59 16.49 9.44 -10.12
CA GLN A 59 17.86 9.93 -9.97
C GLN A 59 18.59 9.20 -8.84
N PHE A 60 17.88 8.89 -7.76
CA PHE A 60 18.50 8.22 -6.62
C PHE A 60 19.01 6.84 -6.99
N CYS A 61 18.27 6.11 -7.83
CA CYS A 61 18.63 4.74 -8.12
C CYS A 61 19.91 4.63 -8.94
N LYS A 62 20.20 5.61 -9.79
CA LYS A 62 21.42 5.59 -10.59
C LYS A 62 22.64 6.10 -9.83
N GLU A 63 22.46 6.57 -8.60
CA GLU A 63 23.59 6.96 -7.77
C GLU A 63 24.43 5.73 -7.42
N PRO A 64 25.68 5.92 -7.02
CA PRO A 64 26.52 4.76 -6.68
C PRO A 64 25.92 3.95 -5.54
N LEU A 65 26.10 2.63 -5.62
CA LEU A 65 25.62 1.75 -4.56
C LEU A 65 26.27 2.08 -3.22
N THR A 66 27.55 2.42 -3.24
CA THR A 66 28.26 2.79 -2.02
C THR A 66 27.62 3.97 -1.31
N PHE A 67 26.89 4.83 -2.03
CA PHE A 67 26.13 5.90 -1.39
C PHE A 67 24.76 5.42 -0.94
N LYS A 68 24.06 4.66 -1.79
CA LYS A 68 22.71 4.23 -1.46
C LYS A 68 22.68 3.42 -0.17
N SER A 69 23.65 2.54 0.02
CA SER A 69 23.69 1.72 1.23
C SER A 69 23.91 2.55 2.48
N SER A 70 24.36 3.80 2.34
CA SER A 70 24.50 4.68 3.50
C SER A 70 23.14 5.14 4.00
N CYS A 71 22.14 5.20 3.12
CA CYS A 71 20.80 5.67 3.49
C CYS A 71 20.07 4.57 4.25
N VAL A 72 20.55 4.32 5.47
CA VAL A 72 19.98 3.30 6.35
C VAL A 72 19.94 3.85 7.77
N SER A 73 19.05 3.28 8.57
CA SER A 73 18.92 3.63 9.97
C SER A 73 18.75 2.39 10.80
N ASP A 74 19.45 2.33 11.94
CA ASP A 74 19.26 1.25 12.90
C ASP A 74 18.10 1.52 13.85
N LEU A 75 17.32 2.58 13.59
CA LEU A 75 16.13 2.89 14.35
C LEU A 75 14.83 2.63 13.59
N THR A 76 14.88 2.63 12.27
CA THR A 76 13.69 2.43 11.44
C THR A 76 13.98 1.43 10.34
N TYR A 77 12.91 0.87 9.78
CA TYR A 77 12.98 0.12 8.55
C TYR A 77 13.07 1.03 7.33
N SER A 78 13.04 2.35 7.53
CA SER A 78 13.18 3.29 6.44
C SER A 78 14.56 3.16 5.79
N GLY A 79 14.64 3.62 4.55
CA GLY A 79 15.90 3.70 3.86
C GLY A 79 16.05 2.64 2.78
N TYR A 80 17.26 2.60 2.23
CA TYR A 80 17.56 1.81 1.04
C TYR A 80 17.78 0.34 1.38
N VAL A 81 17.46 -0.53 0.42
CA VAL A 81 17.80 -1.95 0.47
C VAL A 81 17.90 -2.44 -0.96
N ALA A 82 18.58 -3.58 -1.14
CA ALA A 82 18.78 -4.14 -2.47
C ALA A 82 18.14 -5.51 -2.59
N PRO A 95 14.69 -6.30 -6.83
CA PRO A 95 14.49 -4.85 -6.92
C PRO A 95 15.26 -4.09 -5.86
N GLU A 96 15.52 -2.81 -6.08
CA GLU A 96 16.04 -1.94 -5.03
C GLU A 96 14.90 -1.10 -4.48
N ILE A 97 14.75 -1.12 -3.16
CA ILE A 97 13.63 -0.50 -2.48
C ILE A 97 14.15 0.66 -1.64
N PHE A 98 13.38 1.74 -1.58
CA PHE A 98 13.57 2.78 -0.57
C PHE A 98 12.25 2.97 0.16
N THR A 99 12.18 2.49 1.39
CA THR A 99 10.98 2.61 2.19
C THR A 99 11.00 3.91 2.97
N VAL A 100 9.85 4.59 3.00
CA VAL A 100 9.69 5.84 3.73
C VAL A 100 8.62 5.63 4.79
N CYS A 101 9.03 5.69 6.05
CA CYS A 101 8.12 5.56 7.17
C CYS A 101 7.79 6.94 7.73
N LYS A 102 7.14 6.97 8.88
CA LYS A 102 6.92 8.24 9.57
C LYS A 102 8.26 8.84 9.98
N ASP A 103 8.46 10.12 9.65
CA ASP A 103 9.75 10.78 9.85
C ASP A 103 9.77 11.42 11.23
N LEU A 104 10.48 10.78 12.16
CA LEU A 104 10.52 11.22 13.55
C LEU A 104 11.97 11.41 13.99
N SER A 105 12.37 12.66 14.20
CA SER A 105 13.71 12.94 14.68
C SER A 105 13.91 12.36 16.08
N VAL A 106 15.15 12.42 16.55
CA VAL A 106 15.52 11.86 17.84
C VAL A 106 15.07 12.82 18.93
N GLY A 107 14.46 13.93 18.51
CA GLY A 107 13.80 14.83 19.42
C GLY A 107 12.42 14.40 19.85
N ASP A 108 11.85 13.41 19.15
CA ASP A 108 10.52 12.89 19.44
C ASP A 108 10.63 11.77 20.48
N GLN A 109 9.78 11.82 21.51
CA GLN A 109 9.91 10.92 22.65
C GLN A 109 9.78 9.46 22.23
N ARG A 110 8.88 9.17 21.28
CA ARG A 110 8.74 7.80 20.78
C ARG A 110 10.08 7.25 20.30
N VAL A 111 10.91 8.11 19.70
CA VAL A 111 12.25 7.70 19.33
C VAL A 111 13.15 7.63 20.56
N LYS A 112 13.01 8.59 21.46
CA LYS A 112 13.79 8.57 22.70
C LYS A 112 13.40 7.37 23.56
N ALA A 113 12.10 7.11 23.69
CA ALA A 113 11.59 6.07 24.58
C ALA A 113 11.94 4.70 24.02
N GLY A 114 12.62 4.70 22.87
CA GLY A 114 13.05 3.46 22.26
C GLY A 114 11.94 2.64 21.66
N TRP A 115 10.88 3.30 21.19
CA TRP A 115 9.84 2.56 20.49
C TRP A 115 10.43 1.91 19.24
N PRO A 116 10.06 0.67 18.94
CA PRO A 116 10.61 0.02 17.74
C PRO A 116 10.09 0.71 16.48
N CYS A 117 10.95 0.71 15.46
CA CYS A 117 10.65 1.21 14.12
C CYS A 117 10.36 2.71 14.11
N HIS A 118 10.62 3.43 15.19
CA HIS A 118 10.43 4.87 15.25
C HIS A 118 11.79 5.54 15.13
N GLY A 119 11.88 6.56 14.28
CA GLY A 119 13.12 7.26 14.04
C GLY A 119 13.15 7.98 12.71
N PRO A 120 14.21 8.73 12.46
CA PRO A 120 14.29 9.53 11.24
C PRO A 120 14.49 8.67 10.00
N VAL A 121 14.18 9.27 8.86
CA VAL A 121 14.29 8.61 7.56
C VAL A 121 15.59 9.04 6.91
N PRO A 122 16.51 8.12 6.60
CA PRO A 122 17.76 8.53 5.96
C PRO A 122 17.58 8.93 4.51
N TRP A 123 17.06 10.14 4.28
CA TRP A 123 16.87 10.61 2.92
C TRP A 123 18.21 10.76 2.23
N PRO A 124 18.29 10.46 0.92
CA PRO A 124 19.53 10.74 0.20
C PRO A 124 19.80 12.23 0.03
N ASN A 125 18.75 13.03 -0.05
CA ASN A 125 18.87 14.48 -0.22
C ASN A 125 17.52 15.12 0.05
N ASN A 126 17.55 16.43 0.34
CA ASN A 126 16.35 17.13 0.77
C ASN A 126 15.34 17.28 -0.36
N THR A 127 15.80 17.36 -1.62
CA THR A 127 14.86 17.45 -2.73
C THR A 127 14.16 16.10 -2.96
N TYR A 128 14.80 15.00 -2.57
CA TYR A 128 14.09 13.73 -2.46
C TYR A 128 13.15 13.73 -1.27
N GLN A 129 13.49 14.47 -0.22
CA GLN A 129 12.62 14.56 0.95
C GLN A 129 11.34 15.32 0.63
N LYS A 130 11.46 16.50 0.03
CA LYS A 130 10.28 17.32 -0.27
C LYS A 130 9.36 16.62 -1.26
N SER A 131 9.93 16.12 -2.37
CA SER A 131 9.11 15.50 -3.40
C SER A 131 8.36 14.29 -2.87
N MSE A 132 8.98 13.52 -1.97
CA MSE A 132 8.35 12.33 -1.43
C MSE A 132 7.38 12.66 -0.30
O MSE A 132 6.36 11.99 -0.14
CB MSE A 132 9.42 11.35 -0.93
CG MSE A 132 10.21 10.68 -2.03
SE MSE A 132 9.20 9.31 -2.95
CE MSE A 132 8.17 8.65 -1.44
N LYS A 133 7.70 13.71 0.48
CA LYS A 133 6.80 14.11 1.55
C LYS A 133 5.49 14.67 1.01
N THR A 134 5.55 15.46 -0.07
CA THR A 134 4.33 16.06 -0.61
C THR A 134 3.48 15.03 -1.34
N PHE A 135 4.11 14.08 -2.04
CA PHE A 135 3.38 12.97 -2.64
C PHE A 135 2.60 12.21 -1.58
N MSE A 136 3.22 11.96 -0.43
CA MSE A 136 2.70 11.04 0.57
C MSE A 136 1.59 11.64 1.43
O MSE A 136 0.81 10.91 2.04
CB MSE A 136 3.84 10.56 1.46
CG MSE A 136 3.75 9.10 1.86
SE MSE A 136 5.47 8.48 2.50
CE MSE A 136 4.86 7.46 4.04
N GLU A 137 1.53 12.97 1.51
CA GLU A 137 0.40 13.61 2.17
C GLU A 137 -0.83 13.60 1.28
N GLU A 138 -0.65 13.56 -0.03
CA GLU A 138 -1.79 13.46 -0.94
C GLU A 138 -2.36 12.05 -0.95
N LEU A 139 -1.49 11.04 -0.94
CA LEU A 139 -1.96 9.66 -0.82
C LEU A 139 -2.68 9.44 0.50
N GLY A 140 -2.31 10.18 1.55
CA GLY A 140 -2.99 10.06 2.81
C GLY A 140 -4.42 10.59 2.77
N LEU A 141 -4.67 11.62 1.96
CA LEU A 141 -6.03 12.13 1.82
C LEU A 141 -6.89 11.20 0.97
N ALA A 142 -6.34 10.74 -0.17
CA ALA A 142 -7.05 9.76 -0.99
C ALA A 142 -7.34 8.48 -0.22
N GLY A 143 -6.43 8.09 0.67
CA GLY A 143 -6.70 6.92 1.51
C GLY A 143 -7.78 7.18 2.54
N GLU A 144 -7.81 8.40 3.09
CA GLU A 144 -8.82 8.73 4.09
C GLU A 144 -10.21 8.76 3.48
N ARG A 145 -10.33 9.30 2.26
CA ARG A 145 -11.62 9.25 1.56
C ARG A 145 -11.99 7.83 1.21
N LEU A 146 -11.04 7.04 0.73
CA LEU A 146 -11.30 5.63 0.44
C LEU A 146 -11.72 4.87 1.68
N LEU A 147 -11.12 5.19 2.83
CA LEU A 147 -11.51 4.54 4.08
C LEU A 147 -12.87 5.03 4.55
N LYS A 148 -13.23 6.28 4.24
CA LYS A 148 -14.57 6.76 4.54
C LYS A 148 -15.60 6.15 3.60
N LEU A 149 -15.22 5.94 2.34
CA LEU A 149 -16.15 5.38 1.36
C LEU A 149 -16.39 3.89 1.62
N THR A 150 -15.35 3.16 2.02
CA THR A 150 -15.51 1.73 2.28
C THR A 150 -16.53 1.49 3.39
N ALA A 151 -16.47 2.27 4.46
CA ALA A 151 -17.44 2.14 5.55
C ALA A 151 -18.86 2.43 5.08
N LEU A 152 -19.01 3.36 4.14
CA LEU A 152 -20.35 3.70 3.66
C LEU A 152 -20.95 2.59 2.82
N GLY A 153 -20.12 1.85 2.08
CA GLY A 153 -20.64 0.72 1.32
C GLY A 153 -21.08 -0.42 2.21
N PHE A 154 -20.30 -0.72 3.24
CA PHE A 154 -20.67 -1.74 4.23
C PHE A 154 -21.73 -1.25 5.21
N GLU A 155 -22.33 -0.08 4.96
CA GLU A 155 -23.32 0.52 5.85
C GLU A 155 -22.77 0.73 7.26
N LEU A 156 -21.47 0.96 7.35
CA LEU A 156 -20.83 1.28 8.61
C LEU A 156 -20.79 2.78 8.80
N PRO A 157 -20.65 3.24 10.05
CA PRO A 157 -20.43 4.68 10.26
C PRO A 157 -19.21 5.15 9.48
N ILE A 158 -19.33 6.37 8.91
CA ILE A 158 -18.34 6.83 7.93
C ILE A 158 -16.95 6.91 8.53
N ASN A 159 -16.84 7.06 9.84
CA ASN A 159 -15.55 7.19 10.51
C ASN A 159 -15.02 5.86 11.04
N THR A 160 -15.58 4.73 10.60
CA THR A 160 -15.26 3.44 11.22
C THR A 160 -13.78 3.12 11.09
N PHE A 161 -13.25 3.16 9.86
CA PHE A 161 -11.84 2.87 9.67
C PHE A 161 -10.96 4.06 10.00
N THR A 162 -11.38 5.26 9.57
CA THR A 162 -10.59 6.47 9.78
C THR A 162 -10.36 6.78 11.25
N ASP A 163 -11.12 6.15 12.16
CA ASP A 163 -10.85 6.32 13.58
C ASP A 163 -9.55 5.63 14.00
N LEU A 164 -9.14 4.60 13.26
CA LEU A 164 -7.93 3.85 13.59
C LEU A 164 -6.66 4.54 13.08
N THR A 165 -6.78 5.42 12.09
CA THR A 165 -5.64 5.91 11.33
C THR A 165 -5.18 7.29 11.76
N ARG A 166 -5.61 7.77 12.93
CA ARG A 166 -5.14 9.06 13.43
C ARG A 166 -3.66 8.98 13.73
N ASP A 167 -2.88 9.85 13.09
CA ASP A 167 -1.42 9.74 13.08
C ASP A 167 -1.00 8.32 12.72
N GLY A 168 -1.67 7.77 11.72
CA GLY A 168 -1.49 6.38 11.36
C GLY A 168 -0.10 6.08 10.85
N TRP A 169 0.25 4.79 10.92
CA TRP A 169 1.58 4.33 10.53
C TRP A 169 1.68 4.17 9.01
N HIS A 170 1.38 5.26 8.31
CA HIS A 170 1.51 5.28 6.86
C HIS A 170 2.97 5.18 6.47
N HIS A 171 3.26 4.31 5.50
CA HIS A 171 4.60 4.21 4.97
C HIS A 171 4.53 3.84 3.50
N MSE A 172 5.68 3.90 2.83
CA MSE A 172 5.76 3.72 1.39
C MSE A 172 6.93 2.83 0.99
O MSE A 172 7.89 2.69 1.74
CB MSE A 172 5.88 5.09 0.70
CG MSE A 172 5.68 5.06 -0.79
SE MSE A 172 5.07 6.75 -1.52
CE MSE A 172 3.83 6.01 -2.83
N ARG A 173 6.84 2.22 -0.20
CA ARG A 173 7.92 1.42 -0.78
C ARG A 173 8.21 1.98 -2.16
N VAL A 174 9.18 2.89 -2.25
CA VAL A 174 9.61 3.42 -3.54
C VAL A 174 10.40 2.33 -4.25
N LEU A 175 9.84 1.81 -5.35
CA LEU A 175 10.34 0.61 -5.99
C LEU A 175 10.98 0.92 -7.33
N ARG A 176 12.09 0.22 -7.61
CA ARG A 176 12.65 0.13 -8.95
C ARG A 176 12.91 -1.34 -9.26
N PHE A 177 12.47 -1.80 -10.43
CA PHE A 177 12.71 -3.16 -10.82
C PHE A 177 13.68 -3.20 -11.99
N PRO A 178 14.69 -4.07 -11.96
CA PRO A 178 15.62 -4.16 -13.07
C PRO A 178 14.92 -4.68 -14.31
N PRO A 179 15.52 -4.53 -15.49
CA PRO A 179 15.06 -5.29 -16.64
C PRO A 179 15.44 -6.75 -16.49
N GLN A 180 14.76 -7.60 -17.26
CA GLN A 180 15.09 -9.02 -17.26
C GLN A 180 16.54 -9.21 -17.73
N THR A 181 17.39 -9.71 -16.84
CA THR A 181 18.79 -9.90 -17.13
C THR A 181 19.20 -11.36 -17.28
N SER A 182 18.49 -12.27 -16.64
CA SER A 182 18.69 -13.70 -16.80
C SER A 182 17.53 -14.27 -17.61
N THR A 183 17.47 -15.59 -17.70
CA THR A 183 16.34 -16.27 -18.31
C THR A 183 15.19 -16.47 -17.32
N LEU A 184 15.39 -16.05 -16.07
CA LEU A 184 14.31 -15.99 -15.09
C LEU A 184 13.75 -14.57 -15.05
N SER A 185 12.41 -14.47 -14.96
CA SER A 185 11.73 -13.19 -15.07
C SER A 185 10.93 -12.86 -13.82
N ARG A 186 11.38 -13.32 -12.66
CA ARG A 186 10.69 -13.09 -11.40
C ARG A 186 11.26 -11.86 -10.71
N GLY A 187 10.38 -10.93 -10.35
CA GLY A 187 10.78 -9.75 -9.60
C GLY A 187 10.33 -9.83 -8.16
N ILE A 188 9.10 -10.29 -7.94
CA ILE A 188 8.53 -10.49 -6.61
C ILE A 188 7.53 -11.63 -6.70
N GLY A 189 7.64 -12.58 -5.77
CA GLY A 189 6.71 -13.70 -5.74
C GLY A 189 5.32 -13.28 -5.29
N ALA A 190 4.37 -14.19 -5.44
CA ALA A 190 3.00 -13.92 -5.03
C ALA A 190 2.95 -13.62 -3.54
N HIS A 191 2.22 -12.56 -3.18
CA HIS A 191 2.12 -12.14 -1.79
C HIS A 191 0.93 -11.21 -1.65
N THR A 192 0.56 -10.96 -0.40
CA THR A 192 -0.47 -9.99 -0.05
C THR A 192 0.13 -9.01 0.96
N ASP A 193 -0.11 -7.72 0.74
CA ASP A 193 0.40 -6.72 1.66
C ASP A 193 -0.34 -6.79 2.99
N TYR A 194 0.31 -6.28 4.03
CA TYR A 194 -0.06 -6.56 5.41
C TYR A 194 -0.81 -5.43 6.10
N GLY A 195 -1.20 -4.40 5.36
CA GLY A 195 -1.81 -3.21 5.94
C GLY A 195 -3.31 -3.15 5.73
N LEU A 196 -3.86 -1.94 5.89
CA LEU A 196 -5.28 -1.72 5.62
C LEU A 196 -5.55 -1.73 4.13
N LEU A 197 -5.04 -0.74 3.40
CA LEU A 197 -5.16 -0.69 1.95
C LEU A 197 -3.90 -0.12 1.35
N VAL A 198 -3.62 -0.52 0.10
CA VAL A 198 -2.41 -0.14 -0.61
C VAL A 198 -2.81 0.73 -1.80
N ILE A 199 -2.02 1.76 -2.07
CA ILE A 199 -2.26 2.67 -3.19
C ILE A 199 -0.99 2.66 -4.04
N ALA A 200 -1.05 1.98 -5.17
CA ALA A 200 0.12 1.83 -6.03
C ALA A 200 0.16 2.90 -7.11
N ALA A 201 1.36 3.18 -7.58
CA ALA A 201 1.59 4.07 -8.71
C ALA A 201 2.72 3.48 -9.55
N GLN A 202 2.78 3.89 -10.81
CA GLN A 202 3.63 3.17 -11.76
C GLN A 202 3.80 3.99 -13.03
N ASP A 203 4.92 3.79 -13.72
CA ASP A 203 5.21 4.46 -14.97
C ASP A 203 4.53 3.77 -16.15
N ASP A 204 5.16 3.82 -17.33
CA ASP A 204 4.62 3.20 -18.53
C ASP A 204 5.22 1.83 -18.81
N VAL A 205 6.09 1.33 -17.94
CA VAL A 205 6.77 0.06 -18.18
C VAL A 205 5.80 -1.10 -18.01
N GLY A 206 5.25 -1.26 -16.82
CA GLY A 206 4.30 -2.32 -16.57
C GLY A 206 4.96 -3.60 -16.10
N GLY A 207 4.25 -4.33 -15.25
CA GLY A 207 4.76 -5.57 -14.70
C GLY A 207 4.07 -6.00 -13.43
N LEU A 208 3.01 -5.28 -13.04
CA LEU A 208 2.25 -5.63 -11.86
C LEU A 208 1.10 -6.55 -12.23
N TYR A 209 0.97 -7.67 -11.50
CA TYR A 209 -0.11 -8.62 -11.68
C TYR A 209 -0.81 -8.82 -10.35
N ILE A 210 -2.14 -8.97 -10.41
CA ILE A 210 -2.94 -9.19 -9.22
C ILE A 210 -3.88 -10.36 -9.47
N ARG A 211 -4.30 -11.00 -8.38
CA ARG A 211 -5.25 -12.09 -8.44
C ARG A 211 -6.59 -11.62 -7.90
N PRO A 212 -7.66 -11.68 -8.68
CA PRO A 212 -8.97 -11.26 -8.19
C PRO A 212 -9.54 -12.29 -7.23
N PRO A 213 -10.65 -11.98 -6.56
CA PRO A 213 -11.32 -13.01 -5.74
C PRO A 213 -11.87 -14.12 -6.63
N VAL A 214 -11.36 -15.33 -6.42
CA VAL A 214 -11.87 -16.52 -7.10
C VAL A 214 -12.95 -17.13 -6.23
N GLU A 215 -14.08 -17.48 -6.86
CA GLU A 215 -15.18 -18.08 -6.12
C GLU A 215 -14.76 -19.44 -5.57
N GLY A 216 -14.98 -19.64 -4.27
CA GLY A 216 -14.68 -20.89 -3.62
C GLY A 216 -13.21 -21.22 -3.46
N GLU A 217 -12.32 -20.25 -3.64
CA GLU A 217 -10.88 -20.48 -3.46
C GLU A 217 -10.49 -20.11 -2.04
N LYS A 218 -10.02 -21.10 -1.28
CA LYS A 218 -9.61 -20.85 0.09
C LYS A 218 -8.45 -19.87 0.14
N ARG A 219 -8.56 -18.86 0.99
CA ARG A 219 -7.55 -17.82 1.13
C ARG A 219 -6.99 -17.87 2.54
N ASN A 220 -5.69 -18.14 2.65
CA ASN A 220 -5.05 -18.13 3.97
C ASN A 220 -5.07 -16.73 4.55
N ARG A 221 -5.04 -16.67 5.87
CA ARG A 221 -5.14 -15.41 6.61
C ARG A 221 -3.75 -15.04 7.10
N ASN A 222 -3.12 -14.08 6.41
CA ASN A 222 -1.70 -13.81 6.57
C ASN A 222 -1.35 -13.18 7.91
N TRP A 223 -2.32 -12.71 8.69
CA TRP A 223 -2.00 -12.17 10.00
C TRP A 223 -1.90 -13.26 11.07
N LEU A 224 -2.13 -14.52 10.71
CA LEU A 224 -2.08 -15.63 11.64
C LEU A 224 -0.88 -16.53 11.35
N PRO A 225 -0.19 -17.01 12.37
CA PRO A 225 0.91 -17.94 12.15
C PRO A 225 0.42 -19.23 11.51
N GLY A 226 1.26 -19.83 10.68
CA GLY A 226 0.92 -21.06 10.01
C GLY A 226 -0.11 -20.92 8.91
N GLU A 227 -0.61 -19.72 8.64
CA GLU A 227 -1.54 -19.45 7.54
C GLU A 227 -0.99 -18.34 6.67
N SER A 228 0.28 -18.46 6.28
CA SER A 228 0.91 -17.46 5.44
C SER A 228 0.29 -17.45 4.05
N SER A 229 0.26 -16.26 3.44
CA SER A 229 -0.23 -16.11 2.07
C SER A 229 0.90 -16.07 1.05
N ALA A 230 2.16 -16.07 1.49
CA ALA A 230 3.28 -15.84 0.60
C ALA A 230 3.43 -16.96 -0.41
N GLY A 231 3.70 -16.60 -1.65
CA GLY A 231 4.03 -17.55 -2.69
C GLY A 231 2.86 -18.41 -3.15
N MSE A 232 1.70 -18.23 -2.54
CA MSE A 232 0.54 -19.06 -2.84
C MSE A 232 -0.13 -18.60 -4.12
O MSE A 232 -0.14 -17.42 -4.44
CB MSE A 232 -0.44 -19.03 -1.66
CG MSE A 232 -1.16 -20.34 -1.46
SE MSE A 232 -1.74 -20.62 0.38
CE MSE A 232 -3.20 -19.33 0.41
N PHE A 233 -0.71 -19.57 -4.84
CA PHE A 233 -1.37 -19.34 -6.13
C PHE A 233 -0.43 -18.70 -7.15
N GLU A 234 0.88 -18.77 -6.92
CA GLU A 234 1.82 -18.01 -7.74
C GLU A 234 1.86 -18.51 -9.17
N HIS A 235 1.80 -19.83 -9.37
CA HIS A 235 1.87 -20.43 -10.69
C HIS A 235 0.50 -20.81 -11.23
N ASP A 236 -0.57 -20.56 -10.48
CA ASP A 236 -1.92 -20.97 -10.85
C ASP A 236 -2.72 -19.76 -11.31
N GLU A 237 -3.42 -19.91 -12.43
CA GLU A 237 -4.23 -18.85 -13.00
C GLU A 237 -5.36 -18.47 -12.05
N PRO A 238 -5.91 -17.24 -12.17
CA PRO A 238 -5.52 -16.17 -13.08
C PRO A 238 -4.67 -15.08 -12.42
N TRP A 239 -4.14 -14.16 -13.23
CA TRP A 239 -3.39 -13.03 -12.69
C TRP A 239 -3.64 -11.84 -13.61
N THR A 240 -4.47 -10.90 -13.15
CA THR A 240 -4.83 -9.74 -13.95
C THR A 240 -3.62 -8.83 -14.14
N PHE A 241 -3.29 -8.54 -15.40
CA PHE A 241 -2.25 -7.56 -15.68
C PHE A 241 -2.76 -6.15 -15.40
N VAL A 242 -2.02 -5.40 -14.60
CA VAL A 242 -2.36 -4.03 -14.26
C VAL A 242 -1.66 -3.13 -15.28
N THR A 243 -2.42 -2.66 -16.26
CA THR A 243 -1.85 -1.93 -17.38
C THR A 243 -1.37 -0.55 -16.93
N PRO A 244 -0.20 -0.10 -17.40
CA PRO A 244 0.17 1.31 -17.22
C PRO A 244 -0.76 2.23 -17.98
N THR A 245 -1.69 2.89 -17.29
CA THR A 245 -2.52 3.85 -17.98
C THR A 245 -2.30 5.24 -17.40
N PRO A 246 -2.35 6.29 -18.21
CA PRO A 246 -1.98 7.63 -17.74
C PRO A 246 -2.83 8.11 -16.58
N GLY A 247 -2.15 8.59 -15.53
CA GLY A 247 -2.77 9.34 -14.45
C GLY A 247 -3.81 8.61 -13.62
N VAL A 248 -3.47 7.42 -13.12
CA VAL A 248 -4.34 6.71 -12.19
C VAL A 248 -3.47 6.12 -11.08
N TRP A 249 -4.10 5.92 -9.92
CA TRP A 249 -3.55 5.10 -8.85
C TRP A 249 -4.44 3.88 -8.67
N THR A 250 -3.83 2.71 -8.62
CA THR A 250 -4.57 1.48 -8.36
C THR A 250 -4.68 1.25 -6.86
N VAL A 251 -5.86 0.81 -6.42
CA VAL A 251 -6.15 0.64 -5.01
C VAL A 251 -6.63 -0.78 -4.78
N PHE A 252 -6.00 -1.48 -3.84
CA PHE A 252 -6.43 -2.83 -3.47
C PHE A 252 -6.26 -3.01 -1.97
N PRO A 253 -7.10 -3.86 -1.36
CA PRO A 253 -7.09 -4.00 0.10
C PRO A 253 -5.98 -4.90 0.62
N GLY A 254 -5.54 -4.59 1.84
CA GLY A 254 -4.51 -5.37 2.52
C GLY A 254 -5.10 -6.35 3.53
N ASP A 255 -4.19 -7.02 4.23
CA ASP A 255 -4.59 -8.09 5.15
C ASP A 255 -5.52 -7.58 6.25
N ILE A 256 -5.27 -6.38 6.76
CA ILE A 256 -6.05 -5.87 7.88
C ILE A 256 -7.46 -5.48 7.45
N LEU A 257 -7.67 -5.14 6.18
CA LEU A 257 -9.04 -5.00 5.69
C LEU A 257 -9.76 -6.35 5.71
N GLN A 258 -9.11 -7.40 5.18
CA GLN A 258 -9.73 -8.72 5.16
C GLN A 258 -10.09 -9.19 6.56
N PHE A 259 -9.21 -8.95 7.54
CA PHE A 259 -9.50 -9.38 8.90
C PHE A 259 -10.69 -8.62 9.48
N MSE A 260 -10.69 -7.30 9.35
CA MSE A 260 -11.76 -6.48 9.90
C MSE A 260 -13.10 -6.75 9.22
O MSE A 260 -14.13 -6.85 9.88
CB MSE A 260 -11.40 -4.99 9.80
CG MSE A 260 -10.26 -4.56 10.69
SE MSE A 260 -10.02 -2.64 10.67
CE MSE A 260 -11.72 -2.12 11.48
N THR A 261 -13.06 -6.86 7.89
CA THR A 261 -14.27 -7.15 7.13
C THR A 261 -14.72 -8.60 7.24
N GLY A 262 -13.96 -9.43 7.95
CA GLY A 262 -14.32 -10.84 8.08
C GLY A 262 -14.30 -11.59 6.77
N GLY A 263 -13.36 -11.26 5.89
CA GLY A 263 -13.25 -11.92 4.61
C GLY A 263 -14.12 -11.37 3.51
N GLN A 264 -15.05 -10.45 3.81
CA GLN A 264 -15.90 -9.87 2.79
C GLN A 264 -15.12 -9.04 1.78
N LEU A 265 -13.88 -8.69 2.09
CA LEU A 265 -12.88 -8.25 1.14
C LEU A 265 -11.66 -9.12 1.31
N LEU A 266 -11.05 -9.53 0.20
CA LEU A 266 -9.85 -10.36 0.23
C LEU A 266 -8.63 -9.47 -0.01
N SER A 267 -7.60 -9.66 0.82
CA SER A 267 -6.33 -9.00 0.57
C SER A 267 -5.81 -9.45 -0.80
N THR A 268 -5.79 -8.53 -1.75
CA THR A 268 -5.48 -8.86 -3.13
C THR A 268 -4.07 -9.45 -3.24
N PRO A 269 -3.93 -10.70 -3.69
CA PRO A 269 -2.59 -11.21 -3.99
C PRO A 269 -2.04 -10.53 -5.23
N HIS A 270 -0.76 -10.17 -5.18
CA HIS A 270 -0.13 -9.52 -6.32
C HIS A 270 1.29 -10.06 -6.48
N LYS A 271 1.83 -9.86 -7.68
CA LYS A 271 3.20 -10.24 -7.98
C LYS A 271 3.70 -9.37 -9.12
N VAL A 272 5.02 -9.28 -9.24
CA VAL A 272 5.66 -8.43 -10.24
C VAL A 272 6.52 -9.30 -11.16
N LYS A 273 6.47 -8.99 -12.45
CA LYS A 273 7.30 -9.65 -13.45
C LYS A 273 8.21 -8.62 -14.12
N LEU A 274 9.44 -9.03 -14.40
CA LEU A 274 10.44 -8.11 -14.94
C LEU A 274 10.22 -7.90 -16.43
N ASN A 275 10.26 -6.65 -16.86
CA ASN A 275 10.05 -6.28 -18.25
C ASN A 275 11.39 -6.15 -18.97
N THR A 276 11.31 -5.92 -20.28
CA THR A 276 12.53 -5.63 -21.04
C THR A 276 13.15 -4.31 -20.60
N ARG A 277 12.35 -3.40 -20.06
CA ARG A 277 12.81 -2.07 -19.68
C ARG A 277 12.78 -1.90 -18.17
N GLU A 278 13.57 -0.95 -17.70
CA GLU A 278 13.57 -0.55 -16.30
C GLU A 278 12.17 -0.15 -15.85
N ARG A 279 11.75 -0.65 -14.70
CA ARG A 279 10.41 -0.41 -14.19
C ARG A 279 10.48 0.29 -12.84
N PHE A 280 9.90 1.48 -12.76
CA PHE A 280 9.76 2.22 -11.51
C PHE A 280 8.30 2.17 -11.07
N ALA A 281 8.08 2.07 -9.76
CA ALA A 281 6.73 1.96 -9.23
C ALA A 281 6.69 2.52 -7.82
N CYS A 282 5.50 2.50 -7.23
CA CYS A 282 5.27 3.00 -5.88
C CYS A 282 4.33 2.05 -5.15
N ALA A 283 4.31 2.17 -3.83
CA ALA A 283 3.45 1.30 -3.01
C ALA A 283 3.22 2.01 -1.67
N TYR A 284 2.15 2.79 -1.61
CA TYR A 284 1.76 3.49 -0.39
C TYR A 284 0.88 2.60 0.48
N PHE A 285 1.03 2.78 1.79
CA PHE A 285 0.27 2.00 2.78
C PHE A 285 -0.47 2.98 3.69
N HIS A 286 -1.79 2.98 3.63
CA HIS A 286 -2.61 3.74 4.58
C HIS A 286 -2.96 2.80 5.73
N GLU A 287 -2.41 3.08 6.89
CA GLU A 287 -2.39 2.13 8.00
C GLU A 287 -3.03 2.72 9.25
N PRO A 288 -3.44 1.88 10.20
CA PRO A 288 -3.91 2.40 11.49
C PRO A 288 -2.78 3.03 12.29
N ASN A 289 -3.10 3.59 13.45
CA ASN A 289 -2.06 4.07 14.35
C ASN A 289 -1.17 2.92 14.78
N PHE A 290 0.09 3.25 15.09
CA PHE A 290 1.00 2.24 15.60
C PHE A 290 0.53 1.68 16.94
N GLU A 291 -0.40 2.37 17.61
CA GLU A 291 -0.99 1.91 18.86
C GLU A 291 -2.44 1.49 18.69
N ALA A 292 -2.86 1.18 17.46
CA ALA A 292 -4.25 0.89 17.16
C ALA A 292 -4.47 -0.61 17.08
N SER A 293 -5.61 -1.06 17.61
CA SER A 293 -6.02 -2.46 17.57
C SER A 293 -7.17 -2.60 16.59
N ALA A 294 -6.90 -3.19 15.43
CA ALA A 294 -7.96 -3.50 14.49
C ALA A 294 -8.84 -4.62 15.02
N TYR A 295 -10.12 -4.54 14.71
CA TYR A 295 -11.11 -5.47 15.25
C TYR A 295 -12.00 -5.98 14.12
N PRO A 296 -12.51 -7.20 14.24
CA PRO A 296 -13.45 -7.70 13.23
C PRO A 296 -14.79 -6.99 13.33
N LEU A 297 -15.25 -6.46 12.21
CA LEU A 297 -16.40 -5.57 12.22
C LEU A 297 -17.71 -6.32 12.37
N PHE A 298 -17.87 -7.45 11.68
CA PHE A 298 -19.13 -8.17 11.64
C PHE A 298 -19.16 -9.34 12.62
N GLU A 299 -18.22 -9.38 13.56
CA GLU A 299 -18.23 -10.34 14.67
C GLU A 299 -17.84 -9.60 15.95
N PRO A 300 -18.75 -8.79 16.49
CA PRO A 300 -18.39 -7.98 17.67
C PRO A 300 -18.07 -8.81 18.91
N SER A 301 -18.73 -9.95 19.08
CA SER A 301 -18.47 -10.81 20.23
C SER A 301 -17.22 -11.68 20.07
N ALA A 302 -16.45 -11.48 18.99
CA ALA A 302 -15.20 -12.19 18.80
C ALA A 302 -14.06 -11.37 19.38
N ASN A 303 -13.19 -12.04 20.15
CA ASN A 303 -12.14 -11.37 20.89
C ASN A 303 -10.83 -11.26 20.13
N GLU A 304 -10.81 -11.56 18.84
CA GLU A 304 -9.59 -11.47 18.05
C GLU A 304 -9.32 -10.02 17.66
N ARG A 305 -8.07 -9.61 17.77
CA ARG A 305 -7.64 -8.27 17.37
C ARG A 305 -6.27 -8.34 16.74
N ILE A 306 -5.95 -7.32 15.95
CA ILE A 306 -4.60 -7.09 15.44
C ILE A 306 -4.12 -5.76 15.97
N HIS A 307 -3.03 -5.78 16.73
CA HIS A 307 -2.37 -4.57 17.20
C HIS A 307 -1.28 -4.23 16.18
N TYR A 308 -1.47 -3.13 15.44
CA TYR A 308 -0.61 -2.84 14.31
C TYR A 308 0.84 -2.65 14.70
N GLY A 309 1.12 -2.27 15.94
CA GLY A 309 2.50 -2.09 16.36
C GLY A 309 3.30 -3.37 16.28
N GLU A 310 2.80 -4.44 16.92
CA GLU A 310 3.48 -5.74 16.83
C GLU A 310 3.29 -6.37 15.45
N HIS A 311 2.18 -6.05 14.78
CA HIS A 311 1.95 -6.60 13.44
C HIS A 311 2.97 -6.09 12.44
N PHE A 312 3.18 -4.77 12.41
CA PHE A 312 4.13 -4.19 11.47
C PHE A 312 5.55 -4.69 11.75
N THR A 313 5.93 -4.74 13.03
CA THR A 313 7.26 -5.23 13.39
C THR A 313 7.43 -6.69 12.99
N ASN A 314 6.33 -7.45 12.95
CA ASN A 314 6.42 -8.88 12.67
C ASN A 314 6.55 -9.15 11.17
N MSE A 315 5.74 -8.48 10.36
CA MSE A 315 5.72 -8.74 8.93
C MSE A 315 7.02 -8.32 8.25
O MSE A 315 7.49 -8.98 7.32
CB MSE A 315 4.53 -8.05 8.27
CG MSE A 315 3.17 -8.58 8.72
SE MSE A 315 3.13 -10.53 8.95
CE MSE A 315 3.58 -11.06 7.12
N PHE A 316 7.60 -7.22 8.71
CA PHE A 316 8.92 -6.81 8.24
C PHE A 316 9.99 -7.80 8.70
NI NI B . 3.15 -5.95 -2.09
#